data_2FBA
#
_entry.id   2FBA
#
_cell.length_a   56.901
_cell.length_b   85.696
_cell.length_c   98.237
_cell.angle_alpha   90.00
_cell.angle_beta   90.00
_cell.angle_gamma   90.00
#
_symmetry.space_group_name_H-M   'P 21 21 21'
#
loop_
_entity.id
_entity.type
_entity.pdbx_description
1 polymer 'Glucoamylase GLU1'
2 non-polymer 2-AMINO-2-HYDROXYMETHYL-PROPANE-1,3-DIOL
3 water water
#
_entity_poly.entity_id   1
_entity_poly.type   'polypeptide(L)'
_entity_poly.pdbx_seq_one_letter_code
;AYPSFEAYSNYKVDRTDLETFLDKQKEVSLYYLLQNIAYPEGQFNNGVPGTVIASPSTSNPDYYYQWTRDSAITFLTVLS
ELEDNNFNTTLAKAVEYYINTSYNLQRTSNPSGSFDDENHKGLGEPKFNTDGSAYTGAWGRPQNDGPALRAYAISRYLND
VNSLNEGKLVLTDSGDINFSSTEDIYKNIIKPDLEYVIGYWDSTGFDLWEENQGRHFFTSLVQQKALAYAVDIAKSFDDG
DFANTLSSTASTLESYLSGSDGGFVNTDVNHIVENPDLLQQNSRQGLDSATYIGPLLTHDIGESSSTPFDVDNEYVLQSY
YLLLEDNKDRYSVNSAYSAGAAIGRYPEDVYNGDGSSEGNPWFLATAYAAQVPYKLAYDAKSASNDITINKINYDFFNKY
IVDLSTINSAYQSSDSVTIKSGSDEFNTVADNLVTFGDSFLQVILDHINDDGSLNEQLNRYTGYSTGAYSLTWSSGALLE
AIRLRNKVKALA
;
_entity_poly.pdbx_strand_id   A
#
loop_
_chem_comp.id
_chem_comp.type
_chem_comp.name
_chem_comp.formula
TRS non-polymer 2-AMINO-2-HYDROXYMETHYL-PROPANE-1,3-DIOL 'C4 H12 N O3 1'
#
# COMPACT_ATOMS: atom_id res chain seq x y z
N ALA A 1 21.60 2.84 13.52
CA ALA A 1 21.67 4.31 13.78
C ALA A 1 20.98 5.07 12.65
N TYR A 2 20.50 6.26 12.98
CA TYR A 2 19.66 7.06 12.09
C TYR A 2 19.98 8.55 12.32
N PRO A 3 21.22 8.95 12.01
CA PRO A 3 21.71 10.28 12.43
C PRO A 3 20.95 11.48 11.89
N SER A 4 20.29 11.37 10.74
CA SER A 4 19.60 12.53 10.19
C SER A 4 18.14 12.66 10.67
N PHE A 5 17.68 11.68 11.43
CA PHE A 5 16.34 11.73 12.01
C PHE A 5 16.22 12.91 12.97
N GLU A 6 15.12 13.64 12.86
CA GLU A 6 14.78 14.73 13.77
C GLU A 6 13.42 14.46 14.39
N ALA A 7 13.41 14.17 15.69
CA ALA A 7 12.16 13.91 16.39
C ALA A 7 11.23 15.09 16.30
N TYR A 8 9.93 14.80 16.29
CA TYR A 8 8.91 15.82 16.45
C TYR A 8 9.09 16.37 17.87
N SER A 9 9.47 17.64 17.98
CA SER A 9 10.00 18.16 19.24
C SER A 9 8.99 18.15 20.37
N ASN A 10 9.43 17.64 21.51
CA ASN A 10 8.71 17.70 22.78
C ASN A 10 7.31 17.10 22.72
N TYR A 11 7.23 16.01 21.97
CA TYR A 11 6.03 15.20 21.87
C TYR A 11 6.31 13.85 22.49
N LYS A 12 5.38 13.40 23.32
CA LYS A 12 5.37 12.05 23.86
C LYS A 12 3.95 11.53 23.69
N VAL A 13 3.84 10.39 23.01
CA VAL A 13 2.56 9.74 22.80
C VAL A 13 1.82 9.57 24.12
N ASP A 14 0.56 9.98 24.09
CA ASP A 14 -0.33 9.78 25.22
C ASP A 14 -1.04 8.44 24.98
N ARG A 15 -0.67 7.47 25.81
CA ARG A 15 -1.09 6.09 25.68
C ARG A 15 -2.54 5.83 26.06
N THR A 16 -3.21 6.82 26.61
CA THR A 16 -4.49 6.60 27.29
C THR A 16 -5.71 6.79 26.39
N ASP A 17 -5.55 7.41 25.23
CA ASP A 17 -6.69 7.85 24.46
C ASP A 17 -6.48 7.79 22.95
N LEU A 18 -7.16 6.84 22.32
CA LEU A 18 -7.00 6.62 20.90
C LEU A 18 -7.39 7.82 20.06
N GLU A 19 -8.51 8.46 20.40
CA GLU A 19 -9.03 9.56 19.59
C GLU A 19 -8.04 10.71 19.49
N THR A 20 -7.50 11.12 20.63
CA THR A 20 -6.57 12.24 20.64
C THR A 20 -5.25 11.81 20.00
N PHE A 21 -4.82 10.58 20.22
CA PHE A 21 -3.60 10.07 19.60
C PHE A 21 -3.70 10.14 18.07
N LEU A 22 -4.82 9.69 17.51
CA LEU A 22 -4.97 9.69 16.06
C LEU A 22 -5.05 11.09 15.51
N ASP A 23 -5.71 11.99 16.23
CA ASP A 23 -5.77 13.38 15.83
C ASP A 23 -4.36 13.98 15.77
N LYS A 24 -3.54 13.70 16.78
CA LYS A 24 -2.18 14.22 16.79
C LYS A 24 -1.30 13.57 15.73
N GLN A 25 -1.45 12.27 15.53
CA GLN A 25 -0.62 11.57 14.55
C GLN A 25 -0.97 11.96 13.11
N LYS A 26 -2.16 12.49 12.89
CA LYS A 26 -2.51 13.05 11.59
C LYS A 26 -1.48 14.09 11.18
N GLU A 27 -0.96 14.81 12.18
CA GLU A 27 0.12 15.78 11.97
C GLU A 27 1.51 15.16 12.16
N VAL A 28 1.71 14.42 13.24
CA VAL A 28 3.05 13.93 13.59
C VAL A 28 3.56 12.91 12.56
N SER A 29 2.71 11.97 12.14
CA SER A 29 3.12 11.00 11.13
C SER A 29 3.33 11.65 9.76
N LEU A 30 2.61 12.73 9.48
CA LEU A 30 2.85 13.48 8.25
C LEU A 30 4.21 14.18 8.32
N TYR A 31 4.53 14.79 9.46
CA TYR A 31 5.86 15.34 9.68
C TYR A 31 6.95 14.29 9.40
N TYR A 32 6.78 13.09 9.93
CA TYR A 32 7.78 12.06 9.75
C TYR A 32 7.83 11.50 8.34
N LEU A 33 6.70 11.46 7.65
CA LEU A 33 6.66 11.05 6.26
C LEU A 33 7.40 12.07 5.39
N LEU A 34 7.04 13.34 5.56
CA LEU A 34 7.65 14.39 4.75
C LEU A 34 9.15 14.55 5.02
N GLN A 35 9.59 14.24 6.24
CA GLN A 35 10.99 14.36 6.59
C GLN A 35 11.87 13.46 5.74
N ASN A 36 11.29 12.36 5.25
CA ASN A 36 12.01 11.41 4.42
C ASN A 36 11.90 11.68 2.91
N ILE A 37 11.29 12.80 2.54
CA ILE A 37 11.16 13.20 1.14
C ILE A 37 12.02 14.45 0.94
N ALA A 38 12.91 14.41 -0.04
CA ALA A 38 13.75 15.57 -0.35
C ALA A 38 12.94 16.58 -1.16
N TYR A 39 12.79 17.78 -0.61
CA TYR A 39 12.24 18.90 -1.37
C TYR A 39 12.81 20.19 -0.75
N PRO A 40 13.02 21.24 -1.54
CA PRO A 40 13.67 22.46 -1.04
C PRO A 40 13.04 23.09 0.21
N GLU A 41 11.73 22.97 0.38
CA GLU A 41 11.03 23.57 1.51
C GLU A 41 10.91 22.64 2.72
N GLY A 42 11.45 21.43 2.60
CA GLY A 42 11.33 20.42 3.66
C GLY A 42 12.54 20.38 4.57
N GLN A 43 12.48 19.51 5.59
CA GLN A 43 13.62 19.26 6.45
C GLN A 43 14.78 18.60 5.70
N PHE A 44 14.42 17.78 4.71
CA PHE A 44 15.38 17.08 3.87
C PHE A 44 15.71 17.97 2.67
N ASN A 45 16.25 19.16 2.96
CA ASN A 45 16.54 20.14 1.90
C ASN A 45 17.95 20.01 1.31
N ASN A 46 18.69 19.01 1.78
CA ASN A 46 20.05 18.75 1.29
C ASN A 46 20.13 17.49 0.41
N GLY A 47 19.00 16.87 0.12
CA GLY A 47 18.95 15.75 -0.79
C GLY A 47 18.50 16.22 -2.16
N VAL A 48 18.66 15.35 -3.16
CA VAL A 48 18.20 15.62 -4.51
C VAL A 48 16.66 15.65 -4.49
N PRO A 49 16.04 16.79 -4.80
CA PRO A 49 14.57 16.86 -4.72
C PRO A 49 13.87 15.73 -5.45
N GLY A 50 12.90 15.12 -4.79
CA GLY A 50 12.16 14.00 -5.34
C GLY A 50 12.63 12.64 -4.86
N THR A 51 13.75 12.61 -4.15
CA THR A 51 14.25 11.40 -3.51
C THR A 51 13.46 11.10 -2.26
N VAL A 52 13.00 9.86 -2.12
CA VAL A 52 12.37 9.42 -0.88
C VAL A 52 13.24 8.33 -0.28
N ILE A 53 13.72 8.51 0.93
CA ILE A 53 14.42 7.44 1.62
C ILE A 53 13.40 6.55 2.30
N ALA A 54 13.66 5.26 2.32
CA ALA A 54 12.77 4.35 3.03
C ALA A 54 12.79 4.58 4.53
N SER A 55 13.94 5.02 5.04
CA SER A 55 14.15 5.23 6.47
C SER A 55 15.45 5.99 6.65
N PRO A 56 15.58 6.79 7.70
CA PRO A 56 16.87 7.41 8.04
C PRO A 56 17.91 6.42 8.59
N SER A 57 17.53 5.18 8.86
CA SER A 57 18.50 4.19 9.31
C SER A 57 19.58 3.91 8.25
N THR A 58 20.84 4.22 8.61
CA THR A 58 21.98 3.99 7.74
C THR A 58 22.80 2.78 8.16
N SER A 59 22.48 2.21 9.31
CA SER A 59 23.11 0.99 9.80
C SER A 59 22.15 0.27 10.76
N ASN A 60 22.20 -1.06 10.74
CA ASN A 60 21.44 -1.88 11.67
C ASN A 60 19.96 -1.55 11.74
N PRO A 61 19.24 -1.60 10.61
CA PRO A 61 19.74 -1.91 9.27
C PRO A 61 20.06 -0.66 8.45
N ASP A 62 20.61 -0.85 7.25
CA ASP A 62 20.84 0.24 6.32
C ASP A 62 19.71 0.28 5.29
N TYR A 63 18.77 1.21 5.50
CA TYR A 63 17.65 1.44 4.60
C TYR A 63 17.73 2.80 3.91
N TYR A 64 18.91 3.39 3.89
CA TYR A 64 19.10 4.73 3.32
C TYR A 64 19.31 4.65 1.80
N TYR A 65 18.21 4.32 1.11
CA TYR A 65 18.12 4.17 -0.34
C TYR A 65 16.72 4.61 -0.75
N GLN A 66 16.52 4.78 -2.05
CA GLN A 66 15.19 5.08 -2.60
C GLN A 66 14.69 3.88 -3.39
N TRP A 67 13.58 3.32 -2.91
CA TRP A 67 12.93 2.20 -3.59
C TRP A 67 11.78 2.75 -4.44
N THR A 68 11.63 2.20 -5.64
CA THR A 68 10.54 2.62 -6.51
C THR A 68 9.19 2.39 -5.84
N ARG A 69 9.03 1.24 -5.20
CA ARG A 69 7.80 0.93 -4.48
C ARG A 69 7.55 1.93 -3.36
N ASP A 70 8.49 2.06 -2.43
CA ASP A 70 8.25 2.90 -1.25
C ASP A 70 8.01 4.34 -1.67
N SER A 71 8.72 4.82 -2.67
CA SER A 71 8.52 6.19 -3.10
C SER A 71 7.11 6.39 -3.66
N ALA A 72 6.65 5.47 -4.48
CA ALA A 72 5.33 5.59 -5.07
C ALA A 72 4.25 5.53 -3.99
N ILE A 73 4.37 4.58 -3.07
CA ILE A 73 3.39 4.46 -1.99
C ILE A 73 3.40 5.72 -1.11
N THR A 74 4.58 6.24 -0.84
CA THR A 74 4.70 7.49 -0.08
C THR A 74 3.95 8.61 -0.80
N PHE A 75 4.13 8.70 -2.11
CA PHE A 75 3.47 9.74 -2.88
C PHE A 75 1.97 9.53 -3.03
N LEU A 76 1.47 8.30 -2.89
CA LEU A 76 0.03 8.11 -2.81
C LEU A 76 -0.53 8.83 -1.58
N THR A 77 0.20 8.81 -0.47
CA THR A 77 -0.20 9.58 0.71
C THR A 77 -0.06 11.08 0.49
N VAL A 78 1.03 11.53 -0.13
CA VAL A 78 1.16 12.94 -0.45
C VAL A 78 -0.01 13.40 -1.32
N LEU A 79 -0.41 12.57 -2.28
CA LEU A 79 -1.53 12.90 -3.14
C LEU A 79 -2.84 13.01 -2.35
N SER A 80 -3.07 12.10 -1.41
CA SER A 80 -4.26 12.23 -0.56
C SER A 80 -4.25 13.56 0.20
N GLU A 81 -3.08 13.95 0.70
CA GLU A 81 -2.95 15.21 1.41
C GLU A 81 -3.20 16.38 0.48
N LEU A 82 -2.65 16.31 -0.73
CA LEU A 82 -2.86 17.32 -1.75
C LEU A 82 -4.34 17.50 -2.07
N GLU A 83 -5.02 16.38 -2.26
CA GLU A 83 -6.43 16.34 -2.64
C GLU A 83 -7.33 16.85 -1.53
N ASP A 84 -6.96 16.59 -0.29
CA ASP A 84 -7.75 17.00 0.88
C ASP A 84 -7.46 18.42 1.34
N ASN A 85 -6.41 19.05 0.80
CA ASN A 85 -5.97 20.39 1.24
C ASN A 85 -5.77 21.40 0.10
N ASN A 86 -6.78 21.46 -0.76
CA ASN A 86 -6.88 22.50 -1.78
C ASN A 86 -5.67 22.60 -2.70
N PHE A 87 -5.17 21.44 -3.12
CA PHE A 87 -4.02 21.37 -4.02
C PHE A 87 -2.86 22.20 -3.47
N ASN A 88 -2.50 21.96 -2.21
CA ASN A 88 -1.42 22.68 -1.56
C ASN A 88 -0.18 22.72 -2.44
N THR A 89 0.34 23.91 -2.74
CA THR A 89 1.40 24.04 -3.74
C THR A 89 2.74 23.49 -3.26
N THR A 90 3.01 23.54 -1.96
CA THR A 90 4.22 22.91 -1.45
C THR A 90 4.21 21.41 -1.74
N LEU A 91 3.09 20.76 -1.49
CA LEU A 91 2.98 19.34 -1.78
C LEU A 91 3.02 19.08 -3.28
N ALA A 92 2.36 19.92 -4.08
CA ALA A 92 2.35 19.73 -5.52
C ALA A 92 3.76 19.81 -6.08
N LYS A 93 4.54 20.77 -5.60
CA LYS A 93 5.91 20.91 -6.06
C LYS A 93 6.71 19.66 -5.67
N ALA A 94 6.50 19.15 -4.47
CA ALA A 94 7.16 17.91 -4.05
C ALA A 94 6.82 16.76 -5.00
N VAL A 95 5.57 16.66 -5.41
CA VAL A 95 5.17 15.62 -6.37
C VAL A 95 5.92 15.82 -7.69
N GLU A 96 5.99 17.05 -8.18
CA GLU A 96 6.65 17.29 -9.45
C GLU A 96 8.16 17.05 -9.37
N TYR A 97 8.79 17.31 -8.24
CA TYR A 97 10.19 16.94 -8.07
C TYR A 97 10.35 15.42 -8.10
N TYR A 98 9.43 14.68 -7.49
CA TYR A 98 9.43 13.23 -7.55
C TYR A 98 9.24 12.71 -8.98
N ILE A 99 8.36 13.35 -9.73
CA ILE A 99 8.13 12.94 -11.12
C ILE A 99 9.41 13.16 -11.93
N ASN A 100 10.07 14.30 -11.70
CA ASN A 100 11.29 14.60 -12.40
C ASN A 100 12.42 13.62 -12.02
N THR A 101 12.57 13.34 -10.74
CA THR A 101 13.56 12.38 -10.31
C THR A 101 13.26 10.98 -10.84
N SER A 102 11.97 10.63 -10.92
CA SER A 102 11.57 9.37 -11.51
C SER A 102 12.01 9.29 -12.99
N TYR A 103 11.83 10.37 -13.74
CA TYR A 103 12.32 10.47 -15.13
C TYR A 103 13.80 10.12 -15.17
N ASN A 104 14.58 10.71 -14.28
CA ASN A 104 16.01 10.49 -14.24
C ASN A 104 16.36 9.04 -13.86
N LEU A 105 15.65 8.48 -12.89
CA LEU A 105 15.90 7.10 -12.48
C LEU A 105 15.57 6.12 -13.60
N GLN A 106 14.48 6.38 -14.32
CA GLN A 106 14.07 5.54 -15.43
C GLN A 106 15.19 5.43 -16.47
N ARG A 107 15.92 6.53 -16.65
CA ARG A 107 16.96 6.62 -17.67
C ARG A 107 18.34 6.30 -17.12
N THR A 108 18.38 5.74 -15.91
CA THR A 108 19.62 5.31 -15.27
C THR A 108 19.79 3.82 -15.45
N SER A 109 20.86 3.43 -16.15
CA SER A 109 21.14 2.03 -16.36
C SER A 109 21.56 1.41 -15.03
N ASN A 110 21.21 0.15 -14.84
CA ASN A 110 21.39 -0.49 -13.55
C ASN A 110 21.48 -2.00 -13.77
N PRO A 111 21.74 -2.80 -12.74
CA PRO A 111 21.87 -4.25 -12.95
C PRO A 111 20.64 -4.97 -13.52
N SER A 112 19.44 -4.41 -13.40
CA SER A 112 18.28 -4.97 -14.08
C SER A 112 18.23 -4.70 -15.57
N GLY A 113 18.95 -3.67 -16.00
CA GLY A 113 18.97 -3.29 -17.40
C GLY A 113 18.93 -1.79 -17.59
N SER A 114 18.46 -1.38 -18.75
CA SER A 114 18.50 0.00 -19.17
C SER A 114 17.17 0.43 -19.80
N PHE A 115 17.05 1.73 -20.04
CA PHE A 115 15.85 2.27 -20.66
C PHE A 115 15.75 1.80 -22.12
N ASP A 116 16.91 1.61 -22.76
CA ASP A 116 16.94 1.22 -24.18
C ASP A 116 16.81 -0.29 -24.39
N ASP A 117 16.79 -1.10 -23.33
CA ASP A 117 16.45 -2.51 -23.44
C ASP A 117 14.99 -2.66 -23.85
N GLU A 118 14.63 -3.86 -24.28
CA GLU A 118 13.27 -4.14 -24.71
C GLU A 118 12.29 -3.76 -23.61
N ASN A 119 11.31 -2.95 -23.97
CA ASN A 119 10.30 -2.44 -23.04
C ASN A 119 10.88 -1.87 -21.74
N HIS A 120 12.03 -1.24 -21.87
CA HIS A 120 12.69 -0.54 -20.77
C HIS A 120 12.98 -1.45 -19.58
N LYS A 121 13.65 -2.56 -19.85
CA LYS A 121 13.93 -3.60 -18.86
C LYS A 121 14.51 -3.05 -17.55
N GLY A 122 15.30 -1.98 -17.63
CA GLY A 122 15.88 -1.38 -16.45
C GLY A 122 14.91 -0.87 -15.39
N LEU A 123 13.65 -0.64 -15.78
CA LEU A 123 12.66 -0.09 -14.87
C LEU A 123 12.24 -1.07 -13.76
N GLY A 124 12.56 -2.35 -13.91
CA GLY A 124 12.32 -3.33 -12.85
C GLY A 124 13.23 -3.21 -11.66
N GLU A 125 14.24 -2.35 -11.71
CA GLU A 125 15.20 -2.25 -10.63
C GLU A 125 14.54 -1.84 -9.31
N PRO A 126 14.75 -2.56 -8.21
CA PRO A 126 14.07 -2.21 -6.96
C PRO A 126 14.45 -0.89 -6.29
N LYS A 127 15.75 -0.61 -6.18
CA LYS A 127 16.21 0.56 -5.43
C LYS A 127 17.42 1.19 -6.10
N PHE A 128 17.64 2.45 -5.74
CA PHE A 128 18.78 3.25 -6.16
C PHE A 128 19.40 3.93 -4.96
N ASN A 129 20.65 4.33 -5.12
CA ASN A 129 21.28 5.16 -4.11
C ASN A 129 20.60 6.52 -4.08
N THR A 130 20.68 7.21 -2.95
CA THR A 130 19.98 8.48 -2.79
C THR A 130 20.54 9.59 -3.69
N ASP A 131 21.78 9.45 -4.14
CA ASP A 131 22.35 10.41 -5.09
C ASP A 131 21.88 10.19 -6.52
N GLY A 132 21.05 9.16 -6.72
CA GLY A 132 20.49 8.84 -8.02
C GLY A 132 21.24 7.77 -8.79
N SER A 133 22.37 7.33 -8.25
CA SER A 133 23.19 6.33 -8.93
C SER A 133 22.61 4.94 -8.71
N ALA A 134 22.91 4.06 -9.64
CA ALA A 134 22.51 2.65 -9.55
C ALA A 134 23.11 2.00 -8.31
N TYR A 135 22.30 1.16 -7.67
CA TYR A 135 22.77 0.26 -6.64
C TYR A 135 23.33 -0.99 -7.32
N THR A 136 24.66 -1.16 -7.25
CA THR A 136 25.32 -2.18 -8.05
C THR A 136 25.52 -3.51 -7.33
N GLY A 137 25.17 -3.57 -6.05
CA GLY A 137 25.31 -4.80 -5.29
C GLY A 137 24.25 -5.82 -5.65
N ALA A 138 24.47 -7.06 -5.20
CA ALA A 138 23.49 -8.11 -5.38
C ALA A 138 22.20 -7.74 -4.67
N TRP A 139 21.07 -8.10 -5.27
CA TRP A 139 19.76 -7.74 -4.73
C TRP A 139 18.71 -8.62 -5.37
N GLY A 140 17.54 -8.69 -4.73
CA GLY A 140 16.41 -9.41 -5.27
C GLY A 140 15.75 -8.59 -6.37
N ARG A 141 16.33 -8.65 -7.57
CA ARG A 141 15.86 -7.89 -8.72
C ARG A 141 15.47 -8.84 -9.85
N PRO A 142 14.56 -8.45 -10.74
CA PRO A 142 13.79 -7.20 -10.66
C PRO A 142 12.61 -7.36 -9.72
N GLN A 143 11.91 -6.26 -9.46
CA GLN A 143 10.63 -6.27 -8.75
C GLN A 143 9.65 -5.50 -9.60
N ASN A 144 8.67 -6.20 -10.14
CA ASN A 144 7.85 -5.64 -11.21
C ASN A 144 6.62 -4.88 -10.73
N ASP A 145 6.51 -4.74 -9.40
CA ASP A 145 5.47 -3.91 -8.82
C ASP A 145 5.79 -2.43 -8.90
N GLY A 146 7.07 -2.09 -8.86
CA GLY A 146 7.49 -0.71 -8.76
C GLY A 146 6.97 0.16 -9.89
N PRO A 147 7.25 -0.21 -11.13
CA PRO A 147 6.75 0.61 -12.25
C PRO A 147 5.24 0.74 -12.27
N ALA A 148 4.52 -0.27 -11.81
CA ALA A 148 3.07 -0.20 -11.75
C ALA A 148 2.61 0.84 -10.71
N LEU A 149 3.19 0.78 -9.53
CA LEU A 149 2.82 1.72 -8.47
C LEU A 149 3.22 3.14 -8.84
N ARG A 150 4.38 3.31 -9.47
CA ARG A 150 4.81 4.62 -9.91
C ARG A 150 3.91 5.15 -11.04
N ALA A 151 3.56 4.33 -12.02
CA ALA A 151 2.65 4.75 -13.07
C ALA A 151 1.31 5.20 -12.49
N TYR A 152 0.81 4.45 -11.52
CA TYR A 152 -0.46 4.78 -10.91
C TYR A 152 -0.37 6.11 -10.14
N ALA A 153 0.66 6.28 -9.31
CA ALA A 153 0.81 7.51 -8.54
C ALA A 153 0.91 8.73 -9.46
N ILE A 154 1.71 8.63 -10.51
CA ILE A 154 1.93 9.78 -11.36
C ILE A 154 0.68 10.05 -12.23
N SER A 155 -0.01 9.00 -12.64
CA SER A 155 -1.31 9.13 -13.31
C SER A 155 -2.31 9.86 -12.42
N ARG A 156 -2.36 9.50 -11.14
CA ARG A 156 -3.25 10.15 -10.21
C ARG A 156 -2.91 11.61 -10.05
N TYR A 157 -1.63 11.96 -10.02
CA TYR A 157 -1.28 13.38 -9.97
C TYR A 157 -1.83 14.11 -11.20
N LEU A 158 -1.70 13.53 -12.39
CA LEU A 158 -2.21 14.22 -13.58
C LEU A 158 -3.70 14.44 -13.48
N ASN A 159 -4.44 13.44 -13.00
CA ASN A 159 -5.87 13.62 -12.81
C ASN A 159 -6.15 14.74 -11.83
N ASP A 160 -5.36 14.83 -10.77
CA ASP A 160 -5.53 15.89 -9.76
C ASP A 160 -5.21 17.25 -10.33
N VAL A 161 -4.17 17.34 -11.15
CA VAL A 161 -3.84 18.60 -11.81
C VAL A 161 -5.04 19.08 -12.64
N ASN A 162 -5.64 18.17 -13.38
CA ASN A 162 -6.78 18.52 -14.24
C ASN A 162 -8.05 18.86 -13.47
N SER A 163 -8.34 18.09 -12.42
CA SER A 163 -9.60 18.25 -11.68
C SER A 163 -9.55 19.32 -10.59
N LEU A 164 -8.36 19.56 -10.03
CA LEU A 164 -8.21 20.44 -8.86
C LEU A 164 -7.41 21.70 -9.13
N ASN A 165 -6.61 21.72 -10.21
CA ASN A 165 -5.76 22.86 -10.49
C ASN A 165 -5.86 23.37 -11.94
N GLU A 166 -7.03 23.16 -12.55
CA GLU A 166 -7.35 23.71 -13.87
C GLU A 166 -6.31 23.35 -14.94
N GLY A 167 -5.74 22.15 -14.82
CA GLY A 167 -4.75 21.65 -15.76
C GLY A 167 -3.35 22.24 -15.64
N LYS A 168 -3.10 22.99 -14.59
CA LYS A 168 -1.83 23.69 -14.44
C LYS A 168 -0.83 22.92 -13.60
N LEU A 169 0.34 22.66 -14.17
CA LEU A 169 1.50 22.18 -13.40
C LEU A 169 2.12 23.37 -12.65
N VAL A 170 2.93 23.08 -11.64
CA VAL A 170 3.51 24.11 -10.77
C VAL A 170 5.00 24.36 -10.97
N LEU A 171 5.74 23.45 -11.60
CA LEU A 171 7.18 23.63 -11.80
C LEU A 171 7.54 23.84 -13.29
N THR A 172 6.58 24.24 -14.10
CA THR A 172 6.75 24.42 -15.55
C THR A 172 7.88 25.38 -15.94
N ASP A 173 8.15 26.39 -15.12
CA ASP A 173 9.19 27.38 -15.42
C ASP A 173 10.46 27.17 -14.63
N SER A 174 10.58 26.04 -13.93
CA SER A 174 11.79 25.74 -13.18
C SER A 174 12.86 25.17 -14.12
N GLY A 175 14.13 25.40 -13.81
CA GLY A 175 15.21 24.93 -14.67
C GLY A 175 15.44 23.43 -14.65
N ASP A 176 15.20 22.81 -13.51
CA ASP A 176 15.67 21.44 -13.28
C ASP A 176 14.73 20.35 -13.83
N ILE A 177 13.61 20.75 -14.43
CA ILE A 177 12.47 19.86 -14.63
C ILE A 177 12.21 19.39 -16.09
N ASN A 178 12.13 18.06 -16.26
CA ASN A 178 12.04 17.37 -17.57
C ASN A 178 10.61 17.17 -18.11
N PHE A 179 9.79 18.20 -17.96
CA PHE A 179 8.48 18.25 -18.60
C PHE A 179 8.00 19.70 -18.60
N SER A 180 7.21 20.04 -19.62
CA SER A 180 6.62 21.38 -19.79
C SER A 180 5.10 21.33 -19.77
N SER A 181 4.53 20.15 -19.57
CA SER A 181 3.10 19.93 -19.75
C SER A 181 2.70 18.59 -19.18
N THR A 182 1.42 18.42 -18.93
CA THR A 182 0.90 17.13 -18.48
C THR A 182 1.14 16.05 -19.55
N GLU A 183 1.02 16.41 -20.84
CA GLU A 183 1.27 15.44 -21.89
C GLU A 183 2.71 14.92 -21.82
N ASP A 184 3.66 15.80 -21.54
CA ASP A 184 5.04 15.40 -21.42
C ASP A 184 5.23 14.38 -20.30
N ILE A 185 4.54 14.58 -19.17
CA ILE A 185 4.64 13.63 -18.06
C ILE A 185 4.09 12.28 -18.50
N TYR A 186 2.95 12.29 -19.18
CA TYR A 186 2.37 11.06 -19.66
C TYR A 186 3.31 10.33 -20.64
N LYS A 187 3.79 11.05 -21.66
CA LYS A 187 4.57 10.42 -22.71
C LYS A 187 5.91 9.93 -22.24
N ASN A 188 6.53 10.66 -21.31
CA ASN A 188 7.91 10.41 -20.96
C ASN A 188 8.16 9.73 -19.63
N ILE A 189 7.16 9.71 -18.74
CA ILE A 189 7.32 9.09 -17.44
C ILE A 189 6.27 7.99 -17.20
N ILE A 190 4.98 8.31 -17.35
CA ILE A 190 3.97 7.30 -17.14
C ILE A 190 4.07 6.19 -18.18
N LYS A 191 4.07 6.57 -19.46
CA LYS A 191 3.98 5.59 -20.53
C LYS A 191 5.13 4.58 -20.50
N PRO A 192 6.38 4.99 -20.30
CA PRO A 192 7.44 3.97 -20.18
C PRO A 192 7.19 2.93 -19.07
N ASP A 193 6.69 3.35 -17.92
CA ASP A 193 6.34 2.40 -16.87
C ASP A 193 5.22 1.46 -17.34
N LEU A 194 4.22 1.99 -18.03
CA LEU A 194 3.15 1.14 -18.56
C LEU A 194 3.69 0.16 -19.60
N GLU A 195 4.62 0.61 -20.43
CA GLU A 195 5.25 -0.26 -21.42
C GLU A 195 6.04 -1.38 -20.73
N TYR A 196 6.68 -1.08 -19.62
CA TYR A 196 7.38 -2.09 -18.85
C TYR A 196 6.37 -3.14 -18.36
N VAL A 197 5.26 -2.68 -17.79
CA VAL A 197 4.26 -3.61 -17.28
C VAL A 197 3.69 -4.48 -18.42
N ILE A 198 3.37 -3.87 -19.55
CA ILE A 198 2.90 -4.61 -20.71
C ILE A 198 3.91 -5.68 -21.12
N GLY A 199 5.18 -5.33 -21.09
CA GLY A 199 6.22 -6.21 -21.56
C GLY A 199 6.63 -7.29 -20.60
N TYR A 200 6.46 -7.05 -19.29
CA TYR A 200 7.05 -7.93 -18.26
C TYR A 200 6.06 -8.47 -17.24
N TRP A 201 4.76 -8.17 -17.36
CA TRP A 201 3.83 -8.66 -16.32
C TRP A 201 3.91 -10.18 -16.21
N ASP A 202 4.01 -10.85 -17.36
CA ASP A 202 4.02 -12.31 -17.43
C ASP A 202 5.46 -12.84 -17.50
N SER A 203 6.32 -12.31 -16.63
CA SER A 203 7.69 -12.77 -16.46
C SER A 203 8.06 -12.86 -14.96
N THR A 204 9.23 -13.40 -14.66
CA THR A 204 9.64 -13.71 -13.30
C THR A 204 10.36 -12.56 -12.64
N GLY A 205 9.95 -12.21 -11.42
CA GLY A 205 10.70 -11.29 -10.57
C GLY A 205 10.44 -11.56 -9.11
N PHE A 206 11.07 -10.75 -8.28
CA PHE A 206 10.91 -10.82 -6.83
C PHE A 206 9.64 -10.11 -6.35
N ASP A 207 9.21 -10.49 -5.15
CA ASP A 207 8.04 -9.94 -4.51
C ASP A 207 8.33 -8.62 -3.82
N LEU A 208 7.27 -8.02 -3.27
CA LEU A 208 7.39 -6.72 -2.59
C LEU A 208 8.28 -6.80 -1.36
N TRP A 209 8.42 -7.98 -0.75
CA TRP A 209 9.28 -8.12 0.42
C TRP A 209 10.74 -8.42 0.02
N GLU A 210 10.97 -8.54 -1.30
CA GLU A 210 12.32 -8.62 -1.88
C GLU A 210 13.02 -9.96 -1.65
N GLU A 211 12.24 -11.03 -1.46
CA GLU A 211 12.76 -12.31 -0.98
C GLU A 211 12.55 -13.52 -1.88
N ASN A 212 11.46 -13.57 -2.64
CA ASN A 212 11.16 -14.76 -3.43
C ASN A 212 10.79 -14.42 -4.86
N GLN A 213 11.18 -15.30 -5.77
CA GLN A 213 10.92 -15.15 -7.19
C GLN A 213 9.78 -16.05 -7.62
N GLY A 214 8.93 -15.52 -8.49
CA GLY A 214 7.84 -16.29 -9.05
C GLY A 214 6.56 -15.48 -9.14
N ARG A 215 5.45 -16.19 -9.07
CA ARG A 215 4.13 -15.57 -9.16
C ARG A 215 3.77 -14.85 -7.85
N HIS A 216 3.29 -13.62 -7.95
CA HIS A 216 2.92 -12.89 -6.75
C HIS A 216 1.61 -12.12 -6.95
N PHE A 217 0.65 -12.37 -6.08
CA PHE A 217 -0.67 -11.75 -6.19
C PHE A 217 -0.55 -10.22 -6.15
N PHE A 218 0.17 -9.69 -5.18
CA PHE A 218 0.31 -8.24 -5.02
C PHE A 218 0.86 -7.62 -6.29
N THR A 219 1.91 -8.23 -6.85
CA THR A 219 2.55 -7.66 -8.03
C THR A 219 1.59 -7.62 -9.23
N SER A 220 0.92 -8.74 -9.49
CA SER A 220 -0.03 -8.80 -10.58
C SER A 220 -1.19 -7.83 -10.35
N LEU A 221 -1.62 -7.68 -9.11
CA LEU A 221 -2.75 -6.82 -8.80
C LEU A 221 -2.41 -5.35 -9.04
N VAL A 222 -1.25 -4.89 -8.59
CA VAL A 222 -0.90 -3.49 -8.79
C VAL A 222 -0.64 -3.20 -10.27
N GLN A 223 -0.13 -4.19 -11.00
CA GLN A 223 0.03 -4.05 -12.44
C GLN A 223 -1.30 -3.88 -13.14
N GLN A 224 -2.28 -4.71 -12.78
CA GLN A 224 -3.59 -4.61 -13.39
C GLN A 224 -4.18 -3.22 -13.15
N LYS A 225 -3.99 -2.70 -11.94
CA LYS A 225 -4.53 -1.40 -11.58
C LYS A 225 -3.89 -0.29 -12.41
N ALA A 226 -2.57 -0.32 -12.54
CA ALA A 226 -1.88 0.74 -13.27
C ALA A 226 -2.37 0.78 -14.72
N LEU A 227 -2.54 -0.38 -15.34
CA LEU A 227 -3.02 -0.44 -16.71
C LEU A 227 -4.44 0.09 -16.81
N ALA A 228 -5.33 -0.39 -15.94
CA ALA A 228 -6.73 0.01 -15.98
C ALA A 228 -6.89 1.51 -15.77
N TYR A 229 -6.18 2.05 -14.79
CA TYR A 229 -6.33 3.46 -14.41
C TYR A 229 -5.78 4.37 -15.49
N ALA A 230 -4.80 3.90 -16.25
CA ALA A 230 -4.20 4.74 -17.27
C ALA A 230 -4.99 4.82 -18.57
N VAL A 231 -6.00 3.97 -18.75
CA VAL A 231 -6.77 3.97 -20.00
C VAL A 231 -7.28 5.37 -20.35
N ASP A 232 -7.92 6.02 -19.38
CA ASP A 232 -8.52 7.32 -19.64
C ASP A 232 -7.48 8.42 -19.78
N ILE A 233 -6.34 8.25 -19.11
CA ILE A 233 -5.22 9.18 -19.26
C ILE A 233 -4.72 9.14 -20.72
N ALA A 234 -4.47 7.92 -21.23
CA ALA A 234 -4.02 7.73 -22.60
C ALA A 234 -5.02 8.33 -23.60
N LYS A 235 -6.31 8.08 -23.36
CA LYS A 235 -7.36 8.64 -24.21
C LYS A 235 -7.31 10.16 -24.26
N SER A 236 -7.04 10.78 -23.11
CA SER A 236 -7.04 12.23 -23.00
C SER A 236 -5.88 12.91 -23.73
N PHE A 237 -4.83 12.15 -24.04
CA PHE A 237 -3.70 12.65 -24.81
C PHE A 237 -3.68 12.09 -26.23
N ASP A 238 -4.85 11.71 -26.74
CA ASP A 238 -5.02 11.25 -28.11
C ASP A 238 -4.12 10.05 -28.43
N ASP A 239 -4.00 9.15 -27.47
CA ASP A 239 -3.19 7.94 -27.60
C ASP A 239 -4.14 6.74 -27.57
N GLY A 240 -5.11 6.74 -28.49
CA GLY A 240 -6.26 5.88 -28.39
C GLY A 240 -5.98 4.41 -28.62
N ASP A 241 -5.11 4.10 -29.57
CA ASP A 241 -4.75 2.72 -29.82
C ASP A 241 -4.06 2.16 -28.57
N PHE A 242 -3.15 2.94 -27.99
CA PHE A 242 -2.46 2.52 -26.77
C PHE A 242 -3.45 2.39 -25.60
N ALA A 243 -4.43 3.29 -25.53
CA ALA A 243 -5.46 3.20 -24.51
C ALA A 243 -6.21 1.87 -24.59
N ASN A 244 -6.51 1.44 -25.81
CA ASN A 244 -7.21 0.18 -25.99
C ASN A 244 -6.31 -1.02 -25.68
N THR A 245 -5.02 -0.87 -25.96
CA THR A 245 -4.04 -1.86 -25.53
C THR A 245 -4.02 -1.98 -24.02
N LEU A 246 -4.08 -0.83 -23.33
CA LEU A 246 -4.09 -0.83 -21.86
C LEU A 246 -5.34 -1.53 -21.34
N SER A 247 -6.49 -1.23 -21.94
CA SER A 247 -7.74 -1.79 -21.49
C SER A 247 -7.76 -3.30 -21.65
N SER A 248 -7.30 -3.78 -22.80
CA SER A 248 -7.28 -5.21 -23.07
C SER A 248 -6.27 -5.94 -22.19
N THR A 249 -5.10 -5.33 -22.01
CA THR A 249 -4.10 -5.91 -21.13
C THR A 249 -4.60 -5.96 -19.68
N ALA A 250 -5.29 -4.91 -19.24
CA ALA A 250 -5.88 -4.89 -17.91
C ALA A 250 -6.90 -6.01 -17.73
N SER A 251 -7.71 -6.25 -18.76
CA SER A 251 -8.70 -7.31 -18.68
C SER A 251 -8.06 -8.68 -18.62
N THR A 252 -6.99 -8.84 -19.39
CA THR A 252 -6.26 -10.10 -19.43
C THR A 252 -5.58 -10.36 -18.08
N LEU A 253 -5.02 -9.32 -17.46
CA LEU A 253 -4.42 -9.47 -16.15
C LEU A 253 -5.48 -9.78 -15.09
N GLU A 254 -6.69 -9.20 -15.22
CA GLU A 254 -7.78 -9.56 -14.32
C GLU A 254 -8.10 -11.05 -14.44
N SER A 255 -8.17 -11.57 -15.67
CA SER A 255 -8.39 -12.99 -15.87
C SER A 255 -7.26 -13.83 -15.26
N TYR A 256 -6.02 -13.38 -15.44
CA TYR A 256 -4.87 -14.07 -14.87
C TYR A 256 -4.96 -14.17 -13.35
N LEU A 257 -5.35 -13.06 -12.71
CA LEU A 257 -5.45 -13.00 -11.26
C LEU A 257 -6.45 -13.99 -10.70
N SER A 258 -7.49 -14.28 -11.48
CA SER A 258 -8.58 -15.12 -11.03
C SER A 258 -8.49 -16.56 -11.48
N GLY A 259 -7.58 -16.87 -12.39
CA GLY A 259 -7.56 -18.17 -13.05
C GLY A 259 -6.57 -19.17 -12.49
N SER A 260 -6.53 -20.34 -13.11
CA SER A 260 -5.72 -21.46 -12.66
C SER A 260 -4.22 -21.25 -12.82
N ASP A 261 -3.80 -20.67 -13.93
CA ASP A 261 -2.38 -20.47 -14.20
C ASP A 261 -1.76 -19.56 -13.14
N GLY A 262 -2.49 -18.53 -12.73
CA GLY A 262 -2.04 -17.60 -11.70
C GLY A 262 -1.85 -18.29 -10.37
N GLY A 263 -2.80 -19.14 -9.99
CA GLY A 263 -2.68 -19.95 -8.79
C GLY A 263 -3.00 -19.21 -7.50
N PHE A 264 -3.50 -17.98 -7.60
CA PHE A 264 -3.73 -17.16 -6.42
C PHE A 264 -5.02 -17.53 -5.70
N VAL A 265 -6.09 -17.72 -6.45
CA VAL A 265 -7.36 -18.13 -5.87
C VAL A 265 -7.30 -19.64 -5.66
N ASN A 266 -7.23 -20.06 -4.40
CA ASN A 266 -7.08 -21.47 -4.08
C ASN A 266 -8.33 -21.96 -3.37
N THR A 267 -9.07 -22.86 -4.03
CA THR A 267 -10.34 -23.35 -3.50
C THR A 267 -10.19 -24.60 -2.61
N ASP A 268 -8.98 -25.13 -2.48
CA ASP A 268 -8.70 -26.17 -1.49
C ASP A 268 -8.65 -25.57 -0.07
N VAL A 269 -8.02 -24.39 0.07
CA VAL A 269 -7.89 -23.74 1.37
C VAL A 269 -8.74 -22.47 1.49
N ASN A 270 -9.38 -22.08 0.39
CA ASN A 270 -10.32 -20.95 0.34
C ASN A 270 -9.74 -19.64 0.83
N HIS A 271 -8.54 -19.34 0.35
CA HIS A 271 -7.95 -18.04 0.53
C HIS A 271 -6.99 -17.75 -0.62
N ILE A 272 -6.50 -16.53 -0.70
CA ILE A 272 -5.47 -16.24 -1.67
C ILE A 272 -4.16 -16.90 -1.23
N VAL A 273 -3.45 -17.50 -2.19
CA VAL A 273 -2.11 -17.97 -1.98
C VAL A 273 -1.22 -16.92 -2.63
N GLU A 274 -0.55 -16.14 -1.78
CA GLU A 274 0.12 -14.94 -2.26
C GLU A 274 1.23 -15.29 -3.27
N ASN A 275 2.00 -16.33 -2.96
CA ASN A 275 3.12 -16.80 -3.77
C ASN A 275 2.92 -18.28 -4.08
N PRO A 276 2.13 -18.58 -5.11
CA PRO A 276 1.81 -19.98 -5.42
C PRO A 276 3.01 -20.90 -5.67
N ASP A 277 4.11 -20.39 -6.20
CA ASP A 277 5.29 -21.24 -6.38
C ASP A 277 5.85 -21.71 -5.05
N LEU A 278 5.73 -20.91 -4.01
CA LEU A 278 6.21 -21.32 -2.68
C LEU A 278 5.29 -22.33 -2.04
N LEU A 279 4.00 -22.33 -2.38
CA LEU A 279 3.11 -23.41 -1.97
C LEU A 279 3.55 -24.71 -2.63
N GLN A 280 3.85 -24.65 -3.93
CA GLN A 280 4.36 -25.82 -4.64
C GLN A 280 5.65 -26.34 -3.99
N GLN A 281 6.55 -25.43 -3.63
CA GLN A 281 7.83 -25.79 -3.01
C GLN A 281 7.68 -26.25 -1.57
N ASN A 282 6.47 -26.09 -1.04
CA ASN A 282 6.13 -26.38 0.35
C ASN A 282 6.94 -25.57 1.36
N SER A 283 7.36 -24.38 0.95
CA SER A 283 8.06 -23.48 1.87
C SER A 283 7.14 -22.45 2.52
N ARG A 284 6.01 -22.11 1.87
CA ARG A 284 5.03 -21.21 2.47
C ARG A 284 3.63 -21.64 2.09
N GLN A 285 2.68 -21.41 2.97
CA GLN A 285 1.31 -21.89 2.76
C GLN A 285 0.37 -20.80 2.21
N GLY A 286 0.90 -19.60 1.97
CA GLY A 286 0.18 -18.62 1.16
C GLY A 286 -0.39 -17.41 1.87
N LEU A 287 -0.43 -17.41 3.19
CA LEU A 287 -0.95 -16.27 3.94
C LEU A 287 0.11 -15.16 3.96
N ASP A 288 -0.31 -13.94 3.63
CA ASP A 288 0.61 -12.80 3.54
C ASP A 288 -0.20 -11.53 3.67
N SER A 289 0.28 -10.57 4.45
CA SER A 289 -0.42 -9.30 4.50
C SER A 289 -0.41 -8.54 3.18
N ALA A 290 0.52 -8.86 2.28
CA ALA A 290 0.47 -8.25 0.95
C ALA A 290 -0.88 -8.49 0.26
N THR A 291 -1.52 -9.60 0.60
CA THR A 291 -2.80 -9.96 0.00
C THR A 291 -3.90 -8.94 0.26
N TYR A 292 -3.88 -8.28 1.42
CA TYR A 292 -4.84 -7.21 1.67
C TYR A 292 -4.26 -5.82 1.46
N ILE A 293 -2.94 -5.67 1.57
CA ILE A 293 -2.33 -4.37 1.31
C ILE A 293 -2.54 -3.97 -0.15
N GLY A 294 -2.31 -4.90 -1.07
CA GLY A 294 -2.53 -4.62 -2.48
C GLY A 294 -3.90 -4.06 -2.77
N PRO A 295 -4.95 -4.78 -2.40
CA PRO A 295 -6.32 -4.28 -2.54
C PRO A 295 -6.53 -2.88 -1.97
N LEU A 296 -5.95 -2.58 -0.83
CA LEU A 296 -6.11 -1.25 -0.26
C LEU A 296 -5.43 -0.19 -1.13
N LEU A 297 -4.25 -0.51 -1.65
CA LEU A 297 -3.54 0.43 -2.51
C LEU A 297 -4.26 0.67 -3.84
N THR A 298 -4.94 -0.35 -4.35
CA THR A 298 -5.51 -0.27 -5.69
C THR A 298 -6.98 0.15 -5.70
N HIS A 299 -7.58 0.41 -4.55
CA HIS A 299 -8.96 0.90 -4.50
C HIS A 299 -9.00 2.17 -3.63
N ASP A 300 -8.68 3.31 -4.20
CA ASP A 300 -8.65 4.55 -3.42
C ASP A 300 -10.07 4.94 -3.00
N ILE A 301 -10.20 5.49 -1.79
CA ILE A 301 -11.51 5.81 -1.21
C ILE A 301 -12.21 7.03 -1.82
N GLY A 302 -11.53 7.74 -2.72
CA GLY A 302 -12.14 8.82 -3.49
C GLY A 302 -12.47 8.40 -4.92
N GLU A 303 -11.80 7.35 -5.40
CA GLU A 303 -12.03 6.80 -6.74
C GLU A 303 -13.25 5.89 -6.79
N SER A 304 -13.63 5.49 -8.00
CA SER A 304 -14.78 4.62 -8.22
C SER A 304 -14.41 3.12 -8.25
N SER A 305 -13.13 2.81 -7.98
CA SER A 305 -12.50 1.54 -8.37
C SER A 305 -13.37 0.50 -9.05
N SER A 306 -13.02 0.24 -10.30
CA SER A 306 -13.63 -0.80 -11.12
C SER A 306 -12.55 -1.83 -11.39
N THR A 307 -11.72 -2.10 -10.39
CA THR A 307 -10.67 -3.10 -10.52
C THR A 307 -10.90 -4.24 -9.56
N PRO A 308 -10.40 -5.42 -9.91
CA PRO A 308 -10.74 -6.63 -9.14
C PRO A 308 -10.13 -6.69 -7.75
N PHE A 309 -10.64 -7.60 -6.93
CA PHE A 309 -10.02 -7.91 -5.64
C PHE A 309 -9.92 -6.69 -4.73
N ASP A 310 -11.07 -6.09 -4.48
CA ASP A 310 -11.20 -5.17 -3.36
C ASP A 310 -11.23 -6.01 -2.07
N VAL A 311 -11.24 -5.34 -0.93
CA VAL A 311 -11.15 -6.03 0.36
C VAL A 311 -12.39 -6.85 0.72
N ASP A 312 -13.47 -6.65 -0.03
CA ASP A 312 -14.65 -7.49 0.11
C ASP A 312 -14.55 -8.83 -0.61
N ASN A 313 -13.52 -9.02 -1.42
CA ASN A 313 -13.33 -10.31 -2.06
C ASN A 313 -13.17 -11.41 -1.01
N GLU A 314 -13.91 -12.50 -1.18
CA GLU A 314 -13.99 -13.52 -0.14
C GLU A 314 -12.64 -14.16 0.14
N TYR A 315 -11.82 -14.34 -0.89
CA TYR A 315 -10.51 -14.96 -0.72
C TYR A 315 -9.51 -14.02 -0.05
N VAL A 316 -9.53 -12.76 -0.45
CA VAL A 316 -8.72 -11.73 0.23
C VAL A 316 -9.10 -11.63 1.71
N LEU A 317 -10.39 -11.56 1.99
CA LEU A 317 -10.84 -11.37 3.34
C LEU A 317 -10.56 -12.60 4.19
N GLN A 318 -10.55 -13.79 3.59
CA GLN A 318 -10.18 -14.99 4.31
C GLN A 318 -8.66 -15.05 4.58
N SER A 319 -7.84 -14.62 3.63
CA SER A 319 -6.40 -14.49 3.91
C SER A 319 -6.16 -13.55 5.08
N TYR A 320 -6.89 -12.45 5.10
CA TYR A 320 -6.79 -11.47 6.19
C TYR A 320 -7.11 -12.10 7.55
N TYR A 321 -8.28 -12.74 7.61
CA TYR A 321 -8.73 -13.40 8.81
C TYR A 321 -7.75 -14.48 9.27
N LEU A 322 -7.31 -15.33 8.36
CA LEU A 322 -6.43 -16.42 8.76
C LEU A 322 -5.06 -15.93 9.19
N LEU A 323 -4.56 -14.86 8.59
CA LEU A 323 -3.29 -14.30 9.06
C LEU A 323 -3.45 -13.70 10.46
N LEU A 324 -4.56 -13.01 10.69
CA LEU A 324 -4.88 -12.51 12.00
C LEU A 324 -4.88 -13.63 13.03
N GLU A 325 -5.56 -14.73 12.73
CA GLU A 325 -5.64 -15.84 13.69
C GLU A 325 -4.27 -16.44 13.91
N ASP A 326 -3.51 -16.61 12.85
CA ASP A 326 -2.16 -17.12 12.97
C ASP A 326 -1.34 -16.24 13.91
N ASN A 327 -1.37 -14.95 13.65
CA ASN A 327 -0.50 -14.03 14.36
C ASN A 327 -0.90 -13.84 15.83
N LYS A 328 -2.19 -13.98 16.12
CA LYS A 328 -2.66 -13.91 17.50
C LYS A 328 -2.14 -15.09 18.33
N ASP A 329 -1.85 -16.21 17.68
CA ASP A 329 -1.22 -17.35 18.35
C ASP A 329 0.31 -17.27 18.32
N ARG A 330 0.86 -16.73 17.22
CA ARG A 330 2.29 -16.79 16.97
C ARG A 330 3.07 -15.82 17.84
N TYR A 331 2.53 -14.62 18.02
CA TYR A 331 3.26 -13.56 18.71
C TYR A 331 2.72 -13.37 20.12
N SER A 332 3.57 -13.57 21.12
CA SER A 332 3.14 -13.47 22.51
C SER A 332 2.64 -12.09 22.89
N VAL A 333 3.12 -11.06 22.20
CA VAL A 333 2.64 -9.70 22.41
C VAL A 333 1.11 -9.61 22.22
N ASN A 334 0.56 -10.52 21.42
CA ASN A 334 -0.88 -10.53 21.12
C ASN A 334 -1.74 -11.31 22.11
N SER A 335 -1.12 -11.83 23.18
CA SER A 335 -1.80 -12.80 24.03
C SER A 335 -3.04 -12.25 24.72
N ALA A 336 -3.08 -10.94 24.91
CA ALA A 336 -4.21 -10.30 25.61
C ALA A 336 -5.15 -9.48 24.70
N TYR A 337 -4.88 -9.47 23.39
CA TYR A 337 -5.75 -8.77 22.44
C TYR A 337 -6.90 -9.67 22.01
N SER A 338 -8.13 -9.27 22.33
CA SER A 338 -9.29 -10.09 22.00
C SER A 338 -9.85 -9.80 20.60
N ALA A 339 -9.53 -8.64 20.03
CA ALA A 339 -10.02 -8.29 18.69
C ALA A 339 -8.83 -8.23 17.74
N GLY A 340 -8.53 -7.06 17.16
CA GLY A 340 -7.36 -6.91 16.34
C GLY A 340 -6.07 -7.06 17.12
N ALA A 341 -4.96 -7.15 16.39
CA ALA A 341 -3.69 -7.54 16.99
C ALA A 341 -2.55 -7.09 16.09
N ALA A 342 -1.33 -7.26 16.57
CA ALA A 342 -0.14 -6.97 15.79
C ALA A 342 0.04 -8.03 14.68
N ILE A 343 0.14 -7.54 13.45
CA ILE A 343 0.18 -8.39 12.26
C ILE A 343 1.54 -8.24 11.60
N GLY A 344 2.08 -9.36 11.12
CA GLY A 344 3.30 -9.39 10.35
C GLY A 344 3.11 -9.51 8.85
N ARG A 345 4.14 -10.03 8.21
CA ARG A 345 4.16 -10.19 6.77
C ARG A 345 3.59 -11.54 6.34
N TYR A 346 4.19 -12.63 6.81
CA TYR A 346 3.73 -13.97 6.48
C TYR A 346 4.16 -14.89 7.61
N PRO A 347 3.43 -15.98 7.86
CA PRO A 347 3.76 -16.82 9.02
C PRO A 347 5.15 -17.42 9.04
N GLU A 348 5.74 -17.62 7.87
CA GLU A 348 7.04 -18.28 7.73
C GLU A 348 8.21 -17.30 7.84
N ASP A 349 7.94 -16.03 8.08
CA ASP A 349 8.95 -14.99 8.06
C ASP A 349 9.98 -15.19 9.16
N VAL A 350 11.26 -15.07 8.80
CA VAL A 350 12.36 -15.15 9.76
C VAL A 350 13.13 -13.82 9.91
N TYR A 351 12.76 -12.79 9.15
CA TYR A 351 13.48 -11.53 9.19
C TYR A 351 13.16 -10.76 10.46
N ASN A 352 14.18 -10.50 11.28
CA ASN A 352 13.95 -9.88 12.58
C ASN A 352 14.16 -8.37 12.56
N GLY A 353 14.44 -7.80 11.39
CA GLY A 353 14.67 -6.37 11.25
C GLY A 353 16.12 -6.01 10.97
N ASP A 354 17.03 -6.92 11.28
CA ASP A 354 18.46 -6.71 11.06
C ASP A 354 19.23 -8.04 10.99
N GLY A 355 18.59 -9.05 10.41
CA GLY A 355 19.13 -10.40 10.42
C GLY A 355 17.99 -11.40 10.35
N SER A 356 18.33 -12.68 10.46
CA SER A 356 17.35 -13.76 10.40
C SER A 356 17.35 -14.56 11.69
N SER A 357 16.16 -14.74 12.26
CA SER A 357 15.94 -15.63 13.39
C SER A 357 14.47 -16.02 13.36
N GLU A 358 13.62 -15.15 13.88
CA GLU A 358 12.18 -15.27 13.68
C GLU A 358 11.59 -13.89 13.42
N GLY A 359 10.55 -13.86 12.60
CA GLY A 359 9.96 -12.62 12.16
C GLY A 359 9.14 -11.97 13.25
N ASN A 360 8.75 -10.73 13.00
CA ASN A 360 7.95 -9.96 13.91
C ASN A 360 6.71 -9.42 13.23
N PRO A 361 5.74 -8.94 14.00
CA PRO A 361 4.71 -8.08 13.42
C PRO A 361 5.34 -6.78 12.92
N TRP A 362 4.65 -6.16 11.97
CA TRP A 362 5.07 -4.91 11.32
C TRP A 362 4.05 -3.82 11.58
N PHE A 363 4.54 -2.61 11.82
CA PHE A 363 3.63 -1.50 11.98
C PHE A 363 2.77 -1.27 10.73
N LEU A 364 3.36 -1.37 9.54
CA LEU A 364 2.57 -1.08 8.34
C LEU A 364 1.48 -2.13 8.16
N ALA A 365 1.78 -3.40 8.42
CA ALA A 365 0.79 -4.45 8.25
C ALA A 365 -0.36 -4.28 9.23
N THR A 366 -0.04 -3.80 10.43
CA THR A 366 -1.04 -3.59 11.46
C THR A 366 -1.92 -2.39 11.09
N ALA A 367 -1.32 -1.34 10.57
CA ALA A 367 -2.09 -0.17 10.13
C ALA A 367 -3.01 -0.49 8.94
N TYR A 368 -2.50 -1.24 7.97
CA TYR A 368 -3.34 -1.68 6.87
C TYR A 368 -4.44 -2.64 7.35
N ALA A 369 -4.16 -3.39 8.41
CA ALA A 369 -5.18 -4.29 8.94
C ALA A 369 -6.36 -3.54 9.54
N ALA A 370 -6.13 -2.34 10.08
CA ALA A 370 -7.22 -1.48 10.51
C ALA A 370 -8.06 -1.04 9.30
N GLN A 371 -7.37 -0.74 8.19
CA GLN A 371 -8.04 -0.22 7.00
C GLN A 371 -9.02 -1.18 6.37
N VAL A 372 -8.77 -2.49 6.48
CA VAL A 372 -9.63 -3.46 5.84
C VAL A 372 -11.10 -3.30 6.33
N PRO A 373 -11.36 -3.42 7.64
CA PRO A 373 -12.75 -3.21 8.09
C PRO A 373 -13.25 -1.77 7.93
N TYR A 374 -12.38 -0.78 8.07
CA TYR A 374 -12.82 0.60 7.79
C TYR A 374 -13.34 0.70 6.36
N LYS A 375 -12.64 0.08 5.42
CA LYS A 375 -13.01 0.18 4.02
C LYS A 375 -14.27 -0.63 3.72
N LEU A 376 -14.43 -1.80 4.32
CA LEU A 376 -15.68 -2.54 4.17
C LEU A 376 -16.87 -1.68 4.59
N ALA A 377 -16.71 -1.01 5.72
CA ALA A 377 -17.77 -0.15 6.24
C ALA A 377 -17.98 1.06 5.35
N TYR A 378 -16.89 1.72 4.96
CA TYR A 378 -16.96 2.92 4.15
C TYR A 378 -17.61 2.63 2.81
N ASP A 379 -17.17 1.56 2.16
CA ASP A 379 -17.69 1.23 0.83
C ASP A 379 -19.19 1.05 0.87
N ALA A 380 -19.67 0.33 1.88
CA ALA A 380 -21.09 0.07 2.03
C ALA A 380 -21.89 1.33 2.36
N LYS A 381 -21.48 2.03 3.41
CA LYS A 381 -22.24 3.17 3.91
C LYS A 381 -22.22 4.34 2.94
N SER A 382 -21.07 4.62 2.34
CA SER A 382 -20.96 5.77 1.47
C SER A 382 -21.78 5.61 0.20
N ALA A 383 -21.86 4.40 -0.34
CA ALA A 383 -22.58 4.16 -1.59
C ALA A 383 -24.00 3.64 -1.38
N SER A 384 -24.36 3.35 -0.14
CA SER A 384 -25.60 2.61 0.16
C SER A 384 -25.63 1.24 -0.54
N ASN A 385 -24.48 0.59 -0.60
CA ASN A 385 -24.39 -0.76 -1.13
C ASN A 385 -24.64 -1.74 -0.01
N ASP A 386 -25.29 -2.85 -0.33
CA ASP A 386 -25.47 -3.93 0.64
C ASP A 386 -24.12 -4.54 1.01
N ILE A 387 -24.06 -5.11 2.21
CA ILE A 387 -22.90 -5.88 2.64
C ILE A 387 -23.24 -7.35 2.38
N THR A 388 -22.55 -7.98 1.44
CA THR A 388 -22.77 -9.39 1.15
C THR A 388 -21.61 -10.16 1.75
N ILE A 389 -21.96 -11.14 2.58
CA ILE A 389 -21.00 -11.97 3.27
C ILE A 389 -21.13 -13.38 2.72
N ASN A 390 -20.08 -13.84 2.06
CA ASN A 390 -20.02 -15.21 1.58
C ASN A 390 -19.75 -16.19 2.71
N LYS A 391 -20.22 -17.42 2.54
CA LYS A 391 -20.02 -18.46 3.52
C LYS A 391 -18.55 -18.68 3.90
N ILE A 392 -17.62 -18.48 2.97
CA ILE A 392 -16.19 -18.58 3.29
C ILE A 392 -15.82 -17.69 4.47
N ASN A 393 -16.47 -16.53 4.55
CA ASN A 393 -16.14 -15.52 5.53
C ASN A 393 -17.03 -15.51 6.76
N TYR A 394 -17.90 -16.51 6.91
CA TYR A 394 -18.78 -16.54 8.07
C TYR A 394 -18.01 -16.58 9.38
N ASP A 395 -16.95 -17.39 9.47
CA ASP A 395 -16.20 -17.49 10.71
C ASP A 395 -15.65 -16.13 11.14
N PHE A 396 -15.08 -15.40 10.20
CA PHE A 396 -14.54 -14.06 10.47
C PHE A 396 -15.60 -13.13 11.03
N PHE A 397 -16.73 -13.03 10.35
CA PHE A 397 -17.76 -12.12 10.80
C PHE A 397 -18.30 -12.54 12.15
N ASN A 398 -18.58 -13.84 12.33
CA ASN A 398 -19.09 -14.34 13.60
C ASN A 398 -18.13 -14.04 14.75
N LYS A 399 -16.83 -14.16 14.52
CA LYS A 399 -15.88 -14.03 15.60
C LYS A 399 -15.71 -12.58 16.03
N TYR A 400 -15.66 -11.66 15.06
CA TYR A 400 -15.22 -10.30 15.33
C TYR A 400 -16.23 -9.20 15.09
N ILE A 401 -17.24 -9.45 14.26
CA ILE A 401 -18.08 -8.35 13.77
C ILE A 401 -19.51 -8.43 14.28
N VAL A 402 -20.22 -9.50 13.89
CA VAL A 402 -21.61 -9.70 14.26
C VAL A 402 -21.91 -11.18 14.27
N ASP A 403 -22.81 -11.60 15.16
CA ASP A 403 -23.30 -12.96 15.11
C ASP A 403 -24.35 -13.08 14.00
N LEU A 404 -23.97 -13.74 12.92
CA LEU A 404 -24.83 -13.82 11.75
C LEU A 404 -26.17 -14.47 12.03
N SER A 405 -26.23 -15.36 13.01
CA SER A 405 -27.50 -16.01 13.33
C SER A 405 -28.55 -15.01 13.80
N THR A 406 -28.13 -13.87 14.35
CA THR A 406 -29.09 -12.83 14.75
C THR A 406 -29.63 -12.02 13.59
N ILE A 407 -29.01 -12.13 12.43
CA ILE A 407 -29.47 -11.47 11.22
C ILE A 407 -30.35 -12.43 10.43
N ASN A 408 -29.84 -13.61 10.17
CA ASN A 408 -30.59 -14.65 9.51
C ASN A 408 -30.29 -15.96 10.20
N SER A 409 -31.28 -16.50 10.93
CA SER A 409 -31.03 -17.67 11.74
C SER A 409 -30.65 -18.90 10.92
N ALA A 410 -31.00 -18.92 9.64
CA ALA A 410 -30.70 -20.03 8.76
C ALA A 410 -29.50 -19.78 7.86
N TYR A 411 -28.63 -18.84 8.26
CA TYR A 411 -27.52 -18.45 7.39
C TYR A 411 -26.59 -19.60 7.01
N GLN A 412 -26.43 -20.59 7.88
CA GLN A 412 -25.54 -21.72 7.60
C GLN A 412 -26.02 -22.58 6.43
N SER A 413 -27.30 -22.50 6.11
CA SER A 413 -27.87 -23.21 4.97
C SER A 413 -27.80 -22.42 3.67
N SER A 414 -27.21 -21.22 3.73
CA SER A 414 -27.13 -20.33 2.58
C SER A 414 -25.68 -20.07 2.18
N ASP A 415 -25.46 -19.84 0.90
CA ASP A 415 -24.13 -19.49 0.39
C ASP A 415 -23.68 -18.10 0.80
N SER A 416 -24.63 -17.24 1.16
CA SER A 416 -24.31 -15.89 1.59
C SER A 416 -25.40 -15.27 2.45
N VAL A 417 -25.05 -14.18 3.10
CA VAL A 417 -25.95 -13.30 3.81
C VAL A 417 -25.81 -11.93 3.18
N THR A 418 -26.94 -11.30 2.86
CA THR A 418 -26.93 -9.96 2.29
C THR A 418 -27.58 -9.01 3.29
N ILE A 419 -26.81 -8.05 3.77
CA ILE A 419 -27.26 -7.11 4.78
C ILE A 419 -27.62 -5.82 4.08
N LYS A 420 -28.88 -5.44 4.19
CA LYS A 420 -29.43 -4.37 3.37
C LYS A 420 -29.14 -3.01 3.94
N SER A 421 -28.70 -2.10 3.07
CA SER A 421 -28.45 -0.74 3.47
C SER A 421 -29.68 -0.13 4.12
N GLY A 422 -29.47 0.62 5.20
CA GLY A 422 -30.56 1.27 5.91
C GLY A 422 -31.14 0.47 7.07
N SER A 423 -30.88 -0.84 7.10
CA SER A 423 -31.41 -1.68 8.16
C SER A 423 -30.60 -1.48 9.45
N ASP A 424 -31.21 -1.80 10.58
CA ASP A 424 -30.53 -1.70 11.85
C ASP A 424 -29.26 -2.53 11.84
N GLU A 425 -29.35 -3.73 11.28
CA GLU A 425 -28.21 -4.62 11.29
C GLU A 425 -27.08 -4.10 10.39
N PHE A 426 -27.43 -3.42 9.30
CA PHE A 426 -26.41 -2.79 8.46
C PHE A 426 -25.65 -1.74 9.26
N ASN A 427 -26.37 -0.90 9.98
CA ASN A 427 -25.73 0.14 10.79
C ASN A 427 -24.86 -0.47 11.87
N THR A 428 -25.33 -1.54 12.50
CA THR A 428 -24.56 -2.24 13.51
C THR A 428 -23.30 -2.84 12.91
N VAL A 429 -23.42 -3.50 11.78
CA VAL A 429 -22.27 -4.10 11.13
C VAL A 429 -21.23 -3.03 10.77
N ALA A 430 -21.68 -1.91 10.19
CA ALA A 430 -20.77 -0.84 9.82
C ALA A 430 -20.06 -0.30 11.06
N ASP A 431 -20.81 -0.03 12.12
CA ASP A 431 -20.22 0.43 13.37
C ASP A 431 -19.24 -0.57 13.95
N ASN A 432 -19.60 -1.84 13.94
CA ASN A 432 -18.74 -2.87 14.51
C ASN A 432 -17.48 -3.07 13.68
N LEU A 433 -17.58 -2.89 12.36
CA LEU A 433 -16.40 -2.92 11.50
C LEU A 433 -15.44 -1.80 11.90
N VAL A 434 -15.96 -0.60 12.15
CA VAL A 434 -15.10 0.52 12.53
C VAL A 434 -14.48 0.29 13.91
N THR A 435 -15.25 -0.21 14.86
CA THR A 435 -14.70 -0.55 16.17
C THR A 435 -13.59 -1.59 16.06
N PHE A 436 -13.80 -2.58 15.20
CA PHE A 436 -12.80 -3.61 14.98
C PHE A 436 -11.53 -3.00 14.36
N GLY A 437 -11.68 -2.13 13.37
CA GLY A 437 -10.52 -1.45 12.82
C GLY A 437 -9.77 -0.66 13.90
N ASP A 438 -10.51 0.03 14.76
CA ASP A 438 -9.92 0.80 15.84
C ASP A 438 -9.02 -0.06 16.72
N SER A 439 -9.40 -1.32 16.92
CA SER A 439 -8.63 -2.19 17.80
C SER A 439 -7.22 -2.43 17.28
N PHE A 440 -7.04 -2.41 15.96
CA PHE A 440 -5.71 -2.48 15.38
C PHE A 440 -4.92 -1.19 15.61
N LEU A 441 -5.57 -0.04 15.50
CA LEU A 441 -4.88 1.20 15.79
C LEU A 441 -4.55 1.31 17.29
N GLN A 442 -5.33 0.68 18.16
CA GLN A 442 -4.99 0.62 19.58
C GLN A 442 -3.70 -0.16 19.81
N VAL A 443 -3.47 -1.21 19.03
CA VAL A 443 -2.21 -1.96 19.10
C VAL A 443 -1.05 -1.02 18.78
N ILE A 444 -1.21 -0.18 17.77
CA ILE A 444 -0.19 0.80 17.42
C ILE A 444 0.01 1.81 18.55
N LEU A 445 -1.07 2.32 19.11
CA LEU A 445 -0.99 3.23 20.26
C LEU A 445 -0.22 2.59 21.42
N ASP A 446 -0.45 1.30 21.67
CA ASP A 446 0.21 0.59 22.76
C ASP A 446 1.72 0.50 22.57
N HIS A 447 2.19 0.47 21.32
CA HIS A 447 3.57 0.07 21.02
C HIS A 447 4.43 1.03 20.19
N ILE A 448 3.83 2.09 19.67
CA ILE A 448 4.59 3.10 18.95
C ILE A 448 5.63 3.72 19.87
N ASN A 449 6.73 4.23 19.30
CA ASN A 449 7.71 4.96 20.09
C ASN A 449 7.07 6.17 20.75
N ASP A 450 7.62 6.56 21.88
CA ASP A 450 7.19 7.78 22.56
C ASP A 450 7.20 8.99 21.63
N ASP A 451 8.19 9.06 20.73
CA ASP A 451 8.32 10.22 19.86
C ASP A 451 7.33 10.22 18.68
N GLY A 452 6.46 9.21 18.59
CA GLY A 452 5.46 9.17 17.55
C GLY A 452 5.93 8.65 16.21
N SER A 453 7.19 8.24 16.12
CA SER A 453 7.74 7.64 14.91
C SER A 453 7.47 6.14 14.92
N LEU A 454 7.33 5.58 13.72
CA LEU A 454 7.01 4.19 13.51
C LEU A 454 8.16 3.46 12.86
N ASN A 455 8.70 2.46 13.54
CA ASN A 455 9.72 1.61 12.97
C ASN A 455 9.09 0.66 11.93
N GLU A 456 9.93 -0.15 11.31
CA GLU A 456 9.41 -1.20 10.47
C GLU A 456 8.65 -2.24 11.29
N GLN A 457 9.22 -2.64 12.42
CA GLN A 457 8.73 -3.79 13.16
C GLN A 457 8.43 -3.46 14.60
N LEU A 458 7.69 -4.35 15.25
CA LEU A 458 7.56 -4.32 16.71
C LEU A 458 7.80 -5.74 17.19
N ASN A 459 8.52 -5.88 18.30
CA ASN A 459 8.96 -7.18 18.75
C ASN A 459 7.78 -8.10 19.06
N ARG A 460 7.88 -9.34 18.63
CA ARG A 460 6.79 -10.28 18.78
C ARG A 460 6.46 -10.65 20.22
N TYR A 461 7.38 -10.43 21.16
CA TYR A 461 7.14 -10.72 22.58
C TYR A 461 6.62 -9.49 23.33
N THR A 462 7.28 -8.35 23.18
CA THR A 462 7.00 -7.18 24.00
C THR A 462 6.23 -6.08 23.27
N GLY A 463 6.30 -6.08 21.94
CA GLY A 463 5.80 -4.99 21.15
C GLY A 463 6.72 -3.78 21.08
N TYR A 464 7.88 -3.80 21.73
CA TYR A 464 8.80 -2.68 21.58
C TYR A 464 9.29 -2.59 20.13
N SER A 465 9.42 -1.37 19.64
CA SER A 465 9.78 -1.15 18.26
C SER A 465 11.16 -1.68 17.96
N THR A 466 11.32 -2.15 16.73
CA THR A 466 12.61 -2.64 16.29
C THR A 466 12.73 -2.56 14.76
N GLY A 467 13.94 -2.76 14.26
CA GLY A 467 14.22 -2.61 12.86
C GLY A 467 14.30 -1.16 12.42
N ALA A 468 14.24 -0.95 11.12
CA ALA A 468 14.47 0.36 10.52
C ALA A 468 13.62 1.43 11.20
N TYR A 469 14.22 2.59 11.45
CA TYR A 469 13.60 3.67 12.20
C TYR A 469 12.76 4.56 11.30
N SER A 470 11.63 5.03 11.82
CA SER A 470 10.75 5.98 11.11
C SER A 470 10.60 5.62 9.63
N LEU A 471 10.15 4.38 9.39
CA LEU A 471 9.98 3.86 8.05
C LEU A 471 8.87 4.62 7.33
N THR A 472 9.17 5.20 6.18
CA THR A 472 8.22 6.05 5.47
C THR A 472 6.92 5.31 5.19
N TRP A 473 7.03 4.06 4.78
CA TRP A 473 5.86 3.24 4.49
C TRP A 473 5.02 3.03 5.75
N SER A 474 5.66 2.86 6.91
CA SER A 474 4.89 2.80 8.15
C SER A 474 4.07 4.07 8.38
N SER A 475 4.72 5.22 8.20
CA SER A 475 4.06 6.49 8.41
C SER A 475 2.86 6.65 7.48
N GLY A 476 3.06 6.31 6.21
CA GLY A 476 2.01 6.39 5.21
C GLY A 476 0.83 5.50 5.57
N ALA A 477 1.12 4.28 5.99
CA ALA A 477 0.07 3.32 6.29
C ALA A 477 -0.81 3.82 7.45
N LEU A 478 -0.19 4.39 8.48
CA LEU A 478 -0.99 4.96 9.57
C LEU A 478 -1.79 6.17 9.11
N LEU A 479 -1.18 7.05 8.33
CA LEU A 479 -1.87 8.23 7.83
C LEU A 479 -3.11 7.85 7.01
N GLU A 480 -2.99 6.81 6.18
CA GLU A 480 -4.12 6.37 5.37
C GLU A 480 -5.19 5.70 6.21
N ALA A 481 -4.79 5.03 7.30
CA ALA A 481 -5.77 4.47 8.22
C ALA A 481 -6.58 5.57 8.90
N ILE A 482 -5.91 6.64 9.31
CA ILE A 482 -6.59 7.75 9.95
C ILE A 482 -7.51 8.45 8.95
N ARG A 483 -7.04 8.65 7.73
CA ARG A 483 -7.85 9.32 6.73
C ARG A 483 -9.14 8.55 6.48
N LEU A 484 -9.01 7.24 6.35
CA LEU A 484 -10.18 6.39 6.10
C LEU A 484 -11.11 6.35 7.31
N ARG A 485 -10.54 6.22 8.50
CA ARG A 485 -11.34 6.23 9.72
C ARG A 485 -12.18 7.49 9.81
N ASN A 486 -11.55 8.63 9.56
CA ASN A 486 -12.26 9.89 9.68
C ASN A 486 -13.34 10.01 8.61
N LYS A 487 -13.06 9.51 7.41
CA LYS A 487 -14.05 9.60 6.34
C LYS A 487 -15.29 8.77 6.64
N VAL A 488 -15.10 7.55 7.14
CA VAL A 488 -16.25 6.69 7.44
C VAL A 488 -17.02 7.19 8.66
N LYS A 489 -16.31 7.68 9.66
CA LYS A 489 -16.97 8.20 10.87
C LYS A 489 -17.76 9.49 10.58
N ALA A 490 -17.37 10.25 9.56
CA ALA A 490 -18.04 11.51 9.24
C ALA A 490 -19.37 11.31 8.49
N LEU A 491 -19.62 10.12 7.98
CA LEU A 491 -20.88 9.84 7.29
C LEU A 491 -22.01 9.81 8.32
N ALA A 492 -23.13 10.44 7.97
CA ALA A 492 -24.30 10.49 8.85
C ALA A 492 -24.95 9.12 8.94
C TRS B . 11.27 -2.63 2.26
C1 TRS B . 11.61 -1.96 0.92
C2 TRS B . 10.80 -4.08 2.03
C3 TRS B . 10.23 -1.80 3.00
N TRS B . 12.48 -2.62 3.08
O1 TRS B . 10.46 -1.87 0.12
O2 TRS B . 10.72 -4.85 3.22
O3 TRS B . 10.73 -0.48 3.15
#